data_2A9M
#
_entry.id   2A9M
#
_cell.length_a   50.900
_cell.length_b   73.500
_cell.length_c   70.700
_cell.angle_alpha   90.00
_cell.angle_beta   97.11
_cell.angle_gamma   90.00
#
_symmetry.space_group_name_H-M   'P 1 21 1'
#
loop_
_entity.id
_entity.type
_entity.pdbx_description
1 polymer fluorescein-scfv
2 water water
#
_entity_poly.entity_id   1
_entity_poly.type   'polypeptide(L)'
_entity_poly.pdbx_seq_one_letter_code
;QVQLVESGGNLVQPGGSLRLSCAASGFTFGSFSMSWVRQAPGGGLEWVAGLSARSSLTHYADSVKGRFTISRDNAKNSVY
LQMNSLRVEDTAVYYCARRSYDSSGYWGHFYSYMDVWGQGTLVTVSSGGGGSGGGGSGGGGSQSVLTQPSSVSAAPGQKV
TISCSGSTSNIGNNYVSWYQQHPGKAPKLMIYDVSKRPSGVPDRFSGSKSGNSASLDISGLQSEDEADYYCAAWDDSLSE
FLFGTGTKLTVLGASGADHHHHHH
;
_entity_poly.pdbx_strand_id   A,B
#
# COMPACT_ATOMS: atom_id res chain seq x y z
N GLN A 1 19.74 -2.34 9.08
CA GLN A 1 20.15 -1.89 10.44
C GLN A 1 19.11 -0.91 11.02
N VAL A 2 19.28 0.40 10.76
CA VAL A 2 18.40 1.40 11.36
C VAL A 2 17.15 1.55 10.51
N GLN A 3 16.00 1.33 11.12
CA GLN A 3 14.74 1.57 10.42
C GLN A 3 13.59 1.95 11.34
N LEU A 4 12.54 2.44 10.71
CA LEU A 4 11.26 2.70 11.35
C LEU A 4 10.21 1.85 10.63
N VAL A 5 9.43 1.09 11.40
CA VAL A 5 8.37 0.27 10.82
C VAL A 5 7.03 0.70 11.38
N GLU A 6 6.10 1.01 10.49
CA GLU A 6 4.76 1.41 10.88
C GLU A 6 3.79 0.23 10.89
N SER A 7 2.68 0.42 11.59
CA SER A 7 1.60 -0.55 11.64
C SER A 7 0.31 0.16 12.07
N GLY A 8 -0.85 -0.33 11.62
CA GLY A 8 -2.15 0.09 12.14
C GLY A 8 -3.14 0.67 11.15
N GLY A 9 -2.71 0.91 9.91
CA GLY A 9 -3.61 1.39 8.86
C GLY A 9 -4.90 0.57 8.80
N ASN A 10 -6.04 1.27 8.82
CA ASN A 10 -7.36 0.63 8.86
C ASN A 10 -8.39 1.56 8.20
N LEU A 11 -9.56 1.00 7.92
CA LEU A 11 -10.77 1.73 7.52
C LEU A 11 -11.57 2.04 8.78
N VAL A 12 -12.03 3.29 8.92
CA VAL A 12 -12.87 3.71 10.05
C VAL A 12 -14.07 4.51 9.54
N GLN A 13 -15.19 4.46 10.28
CA GLN A 13 -16.32 5.35 9.99
C GLN A 13 -16.03 6.73 10.54
N PRO A 14 -16.68 7.77 9.99
CA PRO A 14 -16.50 9.14 10.47
C PRO A 14 -16.79 9.28 11.96
N GLY A 15 -15.89 9.94 12.68
CA GLY A 15 -15.99 10.06 14.14
C GLY A 15 -15.29 8.95 14.91
N GLY A 16 -14.81 7.94 14.20
CA GLY A 16 -14.08 6.83 14.81
C GLY A 16 -12.64 7.19 15.19
N SER A 17 -11.94 6.21 15.75
CA SER A 17 -10.57 6.40 16.17
C SER A 17 -9.70 5.21 15.80
N LEU A 18 -8.39 5.47 15.77
CA LEU A 18 -7.41 4.51 15.32
C LEU A 18 -6.07 4.90 15.92
N ARG A 19 -5.29 3.91 16.34
CA ARG A 19 -3.92 4.15 16.79
C ARG A 19 -2.87 3.55 15.84
N LEU A 20 -1.91 4.38 15.47
CA LEU A 20 -0.77 3.98 14.63
C LEU A 20 0.49 3.88 15.49
N SER A 21 1.33 2.89 15.16
CA SER A 21 2.63 2.71 15.80
C SER A 21 3.76 2.98 14.83
N CYS A 22 4.88 3.46 15.38
CA CYS A 22 6.11 3.68 14.65
C CYS A 22 7.27 3.13 15.51
N ALA A 23 7.74 1.93 15.17
CA ALA A 23 8.74 1.23 15.98
C ALA A 23 10.16 1.37 15.39
N ALA A 24 11.11 1.78 16.23
CA ALA A 24 12.50 1.94 15.83
C ALA A 24 13.27 0.66 16.08
N SER A 25 14.28 0.42 15.23
CA SER A 25 15.27 -0.64 15.42
C SER A 25 16.64 -0.11 15.02
N GLY A 26 17.68 -0.49 15.76
CA GLY A 26 19.07 -0.12 15.44
C GLY A 26 19.56 1.17 16.09
N PHE A 27 18.68 1.85 16.83
CA PHE A 27 18.98 3.14 17.45
C PHE A 27 17.91 3.45 18.48
N THR A 28 18.24 4.35 19.40
CA THR A 28 17.31 4.79 20.44
C THR A 28 16.49 5.90 19.85
N PHE A 29 15.18 5.67 19.72
CA PHE A 29 14.28 6.63 19.10
C PHE A 29 14.19 7.95 19.89
N GLY A 30 14.16 7.83 21.21
CA GLY A 30 14.13 9.00 22.10
C GLY A 30 15.29 9.97 21.93
N SER A 31 16.35 9.48 21.30
CA SER A 31 17.51 10.32 21.00
C SER A 31 17.25 11.35 19.90
N PHE A 32 16.18 11.16 19.12
CA PHE A 32 15.88 12.01 17.98
C PHE A 32 14.51 12.70 18.12
N SER A 33 14.39 13.88 17.51
CA SER A 33 13.09 14.43 17.21
C SER A 33 12.45 13.60 16.08
N MET A 34 11.14 13.65 15.95
CA MET A 34 10.48 12.87 14.91
C MET A 34 9.15 13.51 14.55
N SER A 35 8.64 13.16 13.37
CA SER A 35 7.36 13.67 12.91
C SER A 35 6.46 12.61 12.28
N TRP A 36 5.17 12.91 12.29
CA TRP A 36 4.19 12.29 11.41
C TRP A 36 3.86 13.24 10.26
N VAL A 37 3.98 12.71 9.04
CA VAL A 37 3.69 13.43 7.80
C VAL A 37 2.65 12.61 7.04
N ARG A 38 1.59 13.27 6.57
CA ARG A 38 0.49 12.61 5.86
C ARG A 38 0.48 13.02 4.36
N GLN A 39 -0.17 12.20 3.52
CA GLN A 39 -0.39 12.53 2.11
C GLN A 39 -1.83 12.16 1.72
N ALA A 40 -2.66 13.18 1.47
CA ALA A 40 -4.05 12.94 1.06
C ALA A 40 -4.05 12.52 -0.40
N PRO A 41 -5.15 11.88 -0.87
CA PRO A 41 -5.26 11.48 -2.29
C PRO A 41 -5.14 12.70 -3.22
N GLY A 42 -4.26 12.61 -4.20
CA GLY A 42 -3.97 13.72 -5.09
C GLY A 42 -3.19 14.87 -4.43
N GLY A 43 -2.89 14.74 -3.14
CA GLY A 43 -2.27 15.83 -2.38
C GLY A 43 -0.77 15.69 -2.27
N GLY A 44 -0.15 16.71 -1.68
CA GLY A 44 1.27 16.69 -1.39
C GLY A 44 1.62 16.15 -0.02
N LEU A 45 2.83 16.45 0.43
CA LEU A 45 3.25 16.10 1.78
C LEU A 45 2.80 17.17 2.76
N GLU A 46 2.26 16.74 3.91
CA GLU A 46 1.82 17.64 4.96
C GLU A 46 2.30 17.18 6.34
N TRP A 47 3.03 18.05 7.05
CA TRP A 47 3.39 17.80 8.43
C TRP A 47 2.14 17.81 9.30
N VAL A 48 2.06 16.89 10.26
CA VAL A 48 0.85 16.68 11.05
C VAL A 48 1.11 16.74 12.57
N ALA A 49 2.19 16.11 13.03
CA ALA A 49 2.54 16.13 14.46
C ALA A 49 3.97 15.67 14.70
N GLY A 50 4.50 15.93 15.90
CA GLY A 50 5.85 15.48 16.20
C GLY A 50 6.28 15.61 17.64
N LEU A 51 7.43 14.99 17.93
CA LEU A 51 8.06 14.98 19.26
C LEU A 51 9.46 15.58 19.16
N SER A 52 9.83 16.35 20.17
CA SER A 52 11.18 16.86 20.30
C SER A 52 12.02 15.75 20.90
N ALA A 53 13.31 15.80 20.60
CA ALA A 53 14.20 14.68 20.84
C ALA A 53 14.19 14.23 22.28
N ARG A 54 14.92 14.96 23.11
CA ARG A 54 15.31 14.45 24.42
C ARG A 54 14.24 14.76 25.49
N SER A 55 13.24 15.58 25.13
CA SER A 55 12.07 15.85 25.98
C SER A 55 10.90 14.98 25.52
N SER A 56 9.73 15.14 26.16
CA SER A 56 8.50 14.51 25.66
C SER A 56 7.54 15.56 25.08
N LEU A 57 8.11 16.71 24.69
CA LEU A 57 7.34 17.82 24.12
C LEU A 57 6.72 17.52 22.74
N THR A 58 5.42 17.78 22.64
CA THR A 58 4.65 17.50 21.44
C THR A 58 4.27 18.80 20.74
N HIS A 59 4.01 18.70 19.44
CA HIS A 59 3.14 19.66 18.81
C HIS A 59 2.44 19.08 17.58
N TYR A 60 1.46 19.85 17.10
CA TYR A 60 0.50 19.38 16.13
C TYR A 60 0.20 20.50 15.14
N ALA A 61 -0.11 20.12 13.90
CA ALA A 61 -0.68 21.05 12.93
C ALA A 61 -2.09 21.50 13.35
N ASP A 62 -2.45 22.74 13.04
CA ASP A 62 -3.77 23.28 13.43
C ASP A 62 -4.94 22.40 12.99
N SER A 63 -4.81 21.79 11.80
CA SER A 63 -5.87 20.92 11.25
C SER A 63 -6.12 19.64 12.07
N VAL A 64 -5.25 19.40 13.05
CA VAL A 64 -5.26 18.14 13.79
C VAL A 64 -5.23 18.29 15.32
N LYS A 65 -4.89 19.49 15.81
CA LYS A 65 -4.86 19.79 17.24
C LYS A 65 -6.19 19.46 17.92
N GLY A 66 -6.13 18.87 19.11
CA GLY A 66 -7.34 18.52 19.88
C GLY A 66 -7.94 17.16 19.57
N ARG A 67 -7.51 16.55 18.46
CA ARG A 67 -8.02 15.25 18.03
C ARG A 67 -6.95 14.17 17.93
N PHE A 68 -5.73 14.57 17.59
CA PHE A 68 -4.60 13.64 17.52
C PHE A 68 -3.69 13.82 18.74
N THR A 69 -3.28 12.70 19.33
CA THR A 69 -2.30 12.66 20.41
C THR A 69 -1.08 11.82 20.03
N ILE A 70 0.07 12.45 20.09
CA ILE A 70 1.34 11.77 19.84
C ILE A 70 2.00 11.44 21.18
N SER A 71 2.57 10.25 21.30
CA SER A 71 3.27 9.89 22.53
C SER A 71 4.42 8.98 22.25
N ARG A 72 5.46 9.02 23.09
CA ARG A 72 6.49 8.00 22.98
C ARG A 72 6.34 6.89 24.03
N ASP A 73 6.67 5.68 23.62
CA ASP A 73 6.80 4.54 24.49
C ASP A 73 8.26 4.17 24.47
N ASN A 74 9.01 4.69 25.44
CA ASN A 74 10.44 4.38 25.55
C ASN A 74 10.71 2.90 25.82
N ALA A 75 9.81 2.25 26.55
CA ALA A 75 9.92 0.81 26.83
C ALA A 75 9.93 -0.04 25.56
N LYS A 76 9.12 0.36 24.57
CA LYS A 76 9.03 -0.35 23.30
C LYS A 76 9.87 0.30 22.22
N ASN A 77 10.61 1.35 22.58
CA ASN A 77 11.41 2.11 21.64
C ASN A 77 10.56 2.53 20.45
N SER A 78 9.43 3.18 20.70
CA SER A 78 8.50 3.49 19.64
C SER A 78 7.72 4.76 19.92
N VAL A 79 6.97 5.20 18.91
CA VAL A 79 6.05 6.34 19.03
C VAL A 79 4.69 5.91 18.49
N TYR A 80 3.63 6.40 19.15
CA TYR A 80 2.25 6.17 18.75
C TYR A 80 1.52 7.48 18.34
N LEU A 81 0.53 7.36 17.47
CA LEU A 81 -0.37 8.46 17.15
C LEU A 81 -1.79 7.96 17.36
N GLN A 82 -2.45 8.53 18.36
CA GLN A 82 -3.85 8.24 18.64
C GLN A 82 -4.69 9.28 17.90
N MET A 83 -5.51 8.79 16.97
CA MET A 83 -6.33 9.64 16.12
C MET A 83 -7.80 9.44 16.50
N ASN A 84 -8.37 10.46 17.14
CA ASN A 84 -9.78 10.46 17.52
C ASN A 84 -10.55 11.42 16.65
N SER A 85 -11.89 11.32 16.69
CA SER A 85 -12.80 12.15 15.88
C SER A 85 -12.32 12.28 14.44
N LEU A 86 -12.12 11.15 13.78
CA LEU A 86 -11.59 11.17 12.41
C LEU A 86 -12.64 11.71 11.43
N ARG A 87 -12.15 12.41 10.41
CA ARG A 87 -13.00 13.01 9.39
C ARG A 87 -12.58 12.48 8.05
N VAL A 88 -13.42 12.68 7.03
CA VAL A 88 -13.11 12.22 5.66
C VAL A 88 -11.84 12.90 5.13
N GLU A 89 -11.64 14.17 5.48
CA GLU A 89 -10.43 14.92 5.09
C GLU A 89 -9.16 14.40 5.75
N ASP A 90 -9.29 13.54 6.75
CA ASP A 90 -8.13 12.85 7.36
C ASP A 90 -7.65 11.61 6.59
N THR A 91 -8.40 11.20 5.58
CA THR A 91 -8.01 10.05 4.76
C THR A 91 -6.70 10.39 4.08
N ALA A 92 -5.71 9.54 4.29
CA ALA A 92 -4.36 9.76 3.78
C ALA A 92 -3.49 8.57 4.10
N VAL A 93 -2.38 8.45 3.39
CA VAL A 93 -1.29 7.59 3.86
C VAL A 93 -0.46 8.44 4.85
N TYR A 94 -0.19 7.84 6.01
CA TYR A 94 0.54 8.50 7.10
C TYR A 94 1.92 7.89 7.21
N TYR A 95 2.95 8.74 7.19
CA TYR A 95 4.32 8.33 7.40
C TYR A 95 4.81 8.84 8.74
N CYS A 96 5.67 8.05 9.39
CA CYS A 96 6.51 8.58 10.48
C CYS A 96 7.94 8.68 9.95
N ALA A 97 8.69 9.61 10.51
CA ALA A 97 10.05 9.86 10.09
C ALA A 97 10.80 10.51 11.22
N ARG A 98 12.06 10.12 11.39
CA ARG A 98 12.89 10.76 12.38
C ARG A 98 13.64 11.97 11.80
N ARG A 99 13.86 12.97 12.64
CA ARG A 99 14.71 14.09 12.30
C ARG A 99 16.12 13.66 12.63
N SER A 100 17.09 14.10 11.83
CA SER A 100 18.48 13.71 12.01
C SER A 100 18.97 14.11 13.39
N TYR A 101 19.98 13.42 13.89
CA TYR A 101 20.63 13.80 15.14
C TYR A 101 21.05 15.26 15.05
N ASP A 102 21.75 15.57 13.96
CA ASP A 102 22.25 16.91 13.64
C ASP A 102 21.18 18.01 13.50
N SER A 103 19.91 17.62 13.45
CA SER A 103 18.81 18.58 13.42
C SER A 103 17.82 18.35 14.59
N SER A 104 18.32 17.70 15.64
CA SER A 104 17.55 17.42 16.84
C SER A 104 18.03 18.24 18.04
N GLY A 105 18.98 19.15 17.83
CA GLY A 105 19.61 19.96 18.91
C GLY A 105 19.32 21.46 18.85
N TYR A 106 20.29 22.28 19.29
CA TYR A 106 20.10 23.75 19.45
C TYR A 106 19.67 24.51 18.19
N TRP A 107 20.23 24.13 17.04
CA TRP A 107 19.86 24.71 15.74
C TRP A 107 18.96 23.78 14.89
N GLY A 108 18.18 22.92 15.56
CA GLY A 108 17.35 21.92 14.88
C GLY A 108 16.38 22.45 13.85
N HIS A 109 15.84 23.64 14.08
CA HIS A 109 14.91 24.27 13.11
C HIS A 109 15.67 24.74 11.87
N PHE A 110 16.83 25.39 12.06
CA PHE A 110 17.66 25.79 10.92
C PHE A 110 17.90 24.60 9.98
N TYR A 111 18.24 23.45 10.56
CA TYR A 111 18.69 22.28 9.80
C TYR A 111 17.57 21.27 9.50
N SER A 112 16.46 21.34 10.21
CA SER A 112 15.40 20.31 10.20
C SER A 112 15.28 19.50 8.91
N TYR A 113 15.76 18.25 8.96
CA TYR A 113 15.58 17.31 7.85
C TYR A 113 15.36 15.90 8.38
N MET A 114 14.73 15.05 7.57
CA MET A 114 14.31 13.73 8.00
C MET A 114 15.00 12.66 7.16
N ASP A 115 15.80 11.83 7.82
CA ASP A 115 16.68 10.89 7.12
C ASP A 115 16.07 9.47 7.03
N VAL A 116 15.50 8.98 8.11
CA VAL A 116 14.91 7.64 8.16
C VAL A 116 13.39 7.71 8.13
N TRP A 117 12.80 7.04 7.14
CA TRP A 117 11.36 7.12 6.92
C TRP A 117 10.67 5.75 7.10
N GLY A 118 9.48 5.80 7.70
CA GLY A 118 8.58 4.67 7.71
C GLY A 118 8.02 4.34 6.34
N GLN A 119 7.49 3.14 6.27
CA GLN A 119 6.90 2.53 5.06
C GLN A 119 5.61 3.20 4.57
N GLY A 120 4.87 3.80 5.50
CA GLY A 120 3.58 4.40 5.16
C GLY A 120 2.45 3.41 5.38
N THR A 121 1.40 3.89 6.03
CA THR A 121 0.22 3.08 6.31
C THR A 121 -1.02 3.93 5.99
N LEU A 122 -2.02 3.31 5.36
CA LEU A 122 -3.24 3.98 4.88
C LEU A 122 -4.37 4.02 5.91
N VAL A 123 -4.85 5.22 6.19
CA VAL A 123 -6.04 5.42 7.02
C VAL A 123 -7.16 5.89 6.08
N THR A 124 -8.25 5.15 6.02
CA THR A 124 -9.39 5.55 5.21
C THR A 124 -10.56 5.87 6.13
N VAL A 125 -11.06 7.10 6.04
CA VAL A 125 -12.25 7.49 6.81
C VAL A 125 -13.40 7.65 5.83
N SER A 126 -14.41 6.78 5.95
CA SER A 126 -15.54 6.84 5.02
C SER A 126 -16.79 6.23 5.63
N VAL A 145 3.23 26.59 1.02
CA VAL A 145 3.52 27.85 0.25
C VAL A 145 5.01 28.01 -0.16
N LEU A 146 5.79 26.94 0.05
CA LEU A 146 6.98 26.72 -0.77
C LEU A 146 6.50 26.30 -2.15
N THR A 147 6.74 27.15 -3.14
CA THR A 147 6.20 26.98 -4.49
C THR A 147 7.21 26.29 -5.41
N GLN A 148 6.75 25.25 -6.10
CA GLN A 148 7.53 24.57 -7.11
C GLN A 148 6.72 24.50 -8.40
N PRO A 149 7.42 24.35 -9.55
CA PRO A 149 6.71 24.04 -10.77
C PRO A 149 5.85 22.77 -10.64
N SER A 150 4.76 22.69 -11.41
CA SER A 150 3.89 21.52 -11.39
C SER A 150 4.65 20.30 -11.87
N SER A 151 5.40 20.50 -12.94
CA SER A 151 6.08 19.43 -13.64
C SER A 151 7.31 19.89 -14.41
N VAL A 152 8.22 18.95 -14.67
CA VAL A 152 9.38 19.17 -15.54
C VAL A 152 9.59 17.88 -16.33
N SER A 153 10.22 17.98 -17.49
CA SER A 153 10.47 16.84 -18.35
C SER A 153 11.75 17.01 -19.15
N ALA A 154 12.44 15.91 -19.41
CA ALA A 154 13.55 15.91 -20.35
C ALA A 154 13.85 14.46 -20.75
N ALA A 155 14.68 14.29 -21.77
CA ALA A 155 15.08 12.96 -22.22
C ALA A 155 16.17 12.47 -21.29
N PRO A 156 16.50 11.16 -21.33
CA PRO A 156 17.60 10.67 -20.51
C PRO A 156 18.93 11.32 -20.88
N GLY A 157 19.78 11.56 -19.90
CA GLY A 157 21.05 12.25 -20.12
C GLY A 157 20.96 13.76 -20.12
N GLN A 158 19.74 14.29 -20.15
CA GLN A 158 19.49 15.74 -20.12
C GLN A 158 19.52 16.25 -18.69
N LYS A 159 19.72 17.56 -18.56
CA LYS A 159 19.77 18.27 -17.27
C LYS A 159 18.38 18.81 -16.91
N VAL A 160 18.05 18.77 -15.62
CA VAL A 160 16.79 19.28 -15.10
C VAL A 160 17.05 20.14 -13.85
N THR A 161 16.28 21.20 -13.71
CA THR A 161 16.31 22.07 -12.54
C THR A 161 14.89 22.19 -12.00
N ILE A 162 14.77 22.04 -10.69
CA ILE A 162 13.50 22.17 -9.98
C ILE A 162 13.66 23.27 -8.95
N SER A 163 12.96 24.37 -9.18
CA SER A 163 13.04 25.51 -8.27
C SER A 163 12.10 25.30 -7.08
N CYS A 164 12.36 26.03 -6.01
CA CYS A 164 11.59 26.00 -4.80
C CYS A 164 11.65 27.39 -4.15
N SER A 165 10.57 28.15 -4.24
CA SER A 165 10.55 29.57 -3.89
C SER A 165 9.70 29.85 -2.66
N GLY A 166 10.16 30.79 -1.85
CA GLY A 166 9.48 31.17 -0.62
C GLY A 166 9.74 32.63 -0.29
N SER A 167 9.82 32.90 1.01
CA SER A 167 10.02 34.22 1.53
C SER A 167 10.94 34.12 2.74
N THR A 168 11.19 35.25 3.39
CA THR A 168 12.19 35.34 4.46
C THR A 168 12.00 34.31 5.59
N SER A 169 10.76 34.11 6.03
CA SER A 169 10.45 33.24 7.17
C SER A 169 10.81 31.76 6.99
N ASN A 170 10.75 31.28 5.74
CA ASN A 170 11.05 29.88 5.50
C ASN A 170 12.43 29.72 4.85
N ILE A 171 12.49 29.73 3.51
CA ILE A 171 13.76 29.51 2.79
C ILE A 171 14.80 30.59 3.12
N GLY A 172 14.37 31.83 3.30
CA GLY A 172 15.26 32.92 3.69
C GLY A 172 16.09 32.70 4.95
N ASN A 173 15.53 32.01 5.95
CA ASN A 173 16.16 31.83 7.27
C ASN A 173 16.71 30.43 7.54
N ASN A 174 16.20 29.44 6.82
CA ASN A 174 16.41 28.05 7.21
C ASN A 174 16.96 27.23 6.05
N TYR A 175 17.62 26.12 6.38
CA TYR A 175 18.26 25.30 5.36
C TYR A 175 17.19 24.40 4.71
N VAL A 176 17.42 24.02 3.46
CA VAL A 176 16.41 23.35 2.63
C VAL A 176 16.83 21.90 2.44
N SER A 177 15.86 20.99 2.50
CA SER A 177 16.05 19.58 2.16
C SER A 177 15.14 19.23 0.99
N TRP A 178 15.43 18.13 0.31
CA TRP A 178 14.69 17.67 -0.85
C TRP A 178 14.40 16.19 -0.75
N TYR A 179 13.21 15.78 -1.18
CA TYR A 179 12.71 14.42 -1.00
C TYR A 179 12.19 13.86 -2.31
N GLN A 180 12.58 12.62 -2.60
CA GLN A 180 12.13 11.90 -3.79
C GLN A 180 11.06 10.91 -3.37
N GLN A 181 9.95 10.91 -4.10
CA GLN A 181 8.87 9.97 -3.84
C GLN A 181 8.30 9.39 -5.14
N HIS A 182 8.48 8.08 -5.30
CA HIS A 182 7.73 7.33 -6.29
C HIS A 182 6.31 7.17 -5.73
N PRO A 183 5.28 7.34 -6.59
CA PRO A 183 3.89 7.39 -6.09
C PRO A 183 3.44 6.17 -5.29
N GLY A 184 2.86 6.42 -4.11
CA GLY A 184 2.41 5.37 -3.19
C GLY A 184 3.48 4.75 -2.32
N LYS A 185 4.73 5.20 -2.50
CA LYS A 185 5.89 4.69 -1.73
C LYS A 185 6.42 5.75 -0.77
N ALA A 186 7.28 5.31 0.14
CA ALA A 186 7.88 6.18 1.15
C ALA A 186 8.84 7.22 0.52
N PRO A 187 8.66 8.50 0.90
CA PRO A 187 9.65 9.50 0.49
C PRO A 187 11.08 9.15 0.93
N LYS A 188 12.04 9.66 0.18
CA LYS A 188 13.46 9.42 0.40
C LYS A 188 14.19 10.75 0.41
N LEU A 189 15.07 10.95 1.40
CA LEU A 189 15.93 12.14 1.49
C LEU A 189 17.03 12.08 0.41
N MET A 190 17.11 13.11 -0.42
CA MET A 190 18.08 13.18 -1.52
C MET A 190 19.16 14.23 -1.27
N ILE A 191 18.76 15.36 -0.66
CA ILE A 191 19.65 16.48 -0.34
C ILE A 191 19.21 17.01 1.02
N TYR A 192 20.17 17.39 1.87
CA TYR A 192 19.89 18.03 3.15
C TYR A 192 20.89 19.17 3.40
N ASP A 193 20.60 20.00 4.41
CA ASP A 193 21.43 21.17 4.73
C ASP A 193 21.83 21.93 3.46
N VAL A 194 20.84 22.20 2.62
CA VAL A 194 21.00 22.88 1.31
C VAL A 194 21.70 22.06 0.21
N SER A 195 22.91 21.59 0.47
CA SER A 195 23.79 21.06 -0.60
C SER A 195 24.39 19.66 -0.36
N LYS A 196 24.02 19.03 0.76
CA LYS A 196 24.61 17.74 1.16
C LYS A 196 23.78 16.55 0.66
N ARG A 197 24.49 15.49 0.24
CA ARG A 197 23.90 14.23 -0.18
C ARG A 197 24.17 13.14 0.85
N PRO A 198 23.13 12.42 1.28
CA PRO A 198 23.39 11.24 2.12
C PRO A 198 24.11 10.12 1.36
N SER A 199 24.81 9.25 2.08
CA SER A 199 25.43 8.04 1.50
C SER A 199 24.52 7.34 0.47
N GLY A 200 25.10 7.02 -0.68
CA GLY A 200 24.39 6.27 -1.71
C GLY A 200 23.62 7.09 -2.71
N VAL A 201 23.30 8.35 -2.39
CA VAL A 201 22.62 9.20 -3.38
C VAL A 201 23.67 9.64 -4.42
N PRO A 202 23.46 9.27 -5.70
CA PRO A 202 24.43 9.60 -6.74
C PRO A 202 24.68 11.10 -6.91
N ASP A 203 25.90 11.46 -7.31
CA ASP A 203 26.31 12.87 -7.42
C ASP A 203 25.70 13.62 -8.60
N ARG A 204 24.84 12.96 -9.36
CA ARG A 204 23.95 13.59 -10.34
C ARG A 204 23.03 14.63 -9.70
N PHE A 205 22.67 14.39 -8.44
CA PHE A 205 21.82 15.30 -7.69
C PHE A 205 22.65 16.32 -6.94
N SER A 206 22.23 17.57 -7.02
CA SER A 206 22.87 18.62 -6.25
C SER A 206 21.84 19.67 -5.86
N GLY A 207 22.12 20.35 -4.77
CA GLY A 207 21.19 21.30 -4.19
C GLY A 207 21.82 22.65 -3.97
N SER A 208 20.98 23.66 -4.14
CA SER A 208 21.35 25.07 -4.19
C SER A 208 20.36 25.91 -3.38
N LYS A 209 20.82 27.08 -2.92
CA LYS A 209 19.98 28.05 -2.21
C LYS A 209 20.55 29.46 -2.49
N SER A 210 19.66 30.43 -2.75
CA SER A 210 20.03 31.82 -2.89
C SER A 210 18.86 32.72 -2.45
N GLY A 211 19.03 33.45 -1.36
CA GLY A 211 17.96 34.28 -0.82
C GLY A 211 16.73 33.45 -0.45
N ASN A 212 15.59 33.80 -1.05
CA ASN A 212 14.30 33.15 -0.79
C ASN A 212 13.95 32.02 -1.76
N SER A 213 14.95 31.53 -2.51
CA SER A 213 14.76 30.42 -3.42
C SER A 213 15.85 29.35 -3.29
N ALA A 214 15.46 28.10 -3.56
CA ALA A 214 16.38 26.96 -3.63
C ALA A 214 16.16 26.18 -4.92
N SER A 215 17.16 25.37 -5.28
CA SER A 215 17.13 24.60 -6.51
C SER A 215 17.68 23.21 -6.33
N LEU A 216 16.98 22.24 -6.92
CA LEU A 216 17.46 20.89 -7.06
C LEU A 216 17.85 20.66 -8.53
N ASP A 217 19.12 20.40 -8.77
CA ASP A 217 19.58 20.08 -10.10
C ASP A 217 19.84 18.59 -10.23
N ILE A 218 19.31 18.02 -11.31
CA ILE A 218 19.58 16.65 -11.68
C ILE A 218 20.24 16.70 -13.05
N SER A 219 21.50 16.30 -13.09
CA SER A 219 22.20 16.09 -14.36
C SER A 219 21.96 14.64 -14.79
N GLY A 220 22.16 14.38 -16.08
CA GLY A 220 22.12 13.00 -16.59
C GLY A 220 20.91 12.22 -16.17
N LEU A 221 19.74 12.83 -16.39
CA LEU A 221 18.46 12.20 -16.08
C LEU A 221 18.45 10.70 -16.41
N GLN A 222 18.06 9.89 -15.43
CA GLN A 222 17.90 8.44 -15.59
C GLN A 222 16.44 8.06 -15.40
N SER A 223 15.99 7.02 -16.07
CA SER A 223 14.55 6.68 -16.06
C SER A 223 14.03 6.47 -14.65
N GLU A 224 14.88 5.95 -13.77
CA GLU A 224 14.54 5.75 -12.35
C GLU A 224 14.36 7.05 -11.53
N ASP A 225 14.73 8.19 -12.09
CA ASP A 225 14.51 9.49 -11.44
C ASP A 225 13.08 9.99 -11.58
N GLU A 226 12.33 9.38 -12.51
CA GLU A 226 10.92 9.72 -12.69
C GLU A 226 10.17 9.50 -11.37
N ALA A 227 9.69 10.60 -10.79
CA ALA A 227 9.09 10.60 -9.44
C ALA A 227 8.58 12.00 -9.11
N ASP A 228 7.96 12.17 -7.94
CA ASP A 228 7.59 13.49 -7.44
C ASP A 228 8.71 13.97 -6.50
N TYR A 229 9.07 15.25 -6.62
CA TYR A 229 10.11 15.84 -5.78
C TYR A 229 9.56 17.01 -4.96
N TYR A 230 9.81 16.97 -3.65
CA TYR A 230 9.42 18.02 -2.72
C TYR A 230 10.65 18.62 -2.06
N CYS A 231 10.67 19.94 -2.02
CA CYS A 231 11.54 20.68 -1.13
C CYS A 231 10.85 20.84 0.22
N ALA A 232 11.63 21.27 1.21
CA ALA A 232 11.12 21.47 2.57
C ALA A 232 12.03 22.39 3.37
N ALA A 233 11.41 23.13 4.29
CA ALA A 233 12.11 24.06 5.17
C ALA A 233 11.21 24.46 6.34
N TRP A 234 11.83 24.71 7.50
CA TRP A 234 11.15 25.31 8.64
C TRP A 234 10.69 26.73 8.29
N ASP A 235 9.53 27.11 8.80
CA ASP A 235 9.00 28.47 8.68
C ASP A 235 8.93 29.12 10.07
N ASP A 236 9.62 30.24 10.25
CA ASP A 236 9.73 30.86 11.57
C ASP A 236 8.46 31.51 12.05
N SER A 237 7.64 32.05 11.15
CA SER A 237 6.40 32.71 11.56
C SER A 237 5.31 31.68 11.91
N LEU A 238 5.18 30.63 11.09
CA LEU A 238 4.32 29.49 11.43
C LEU A 238 4.84 28.63 12.58
N SER A 239 6.16 28.67 12.85
CA SER A 239 6.79 27.72 13.75
C SER A 239 6.43 26.29 13.35
N GLU A 240 6.65 25.98 12.08
CA GLU A 240 6.20 24.72 11.51
C GLU A 240 7.10 24.32 10.35
N PHE A 241 7.33 23.02 10.18
CA PHE A 241 8.06 22.48 9.02
C PHE A 241 7.11 22.41 7.81
N LEU A 242 7.52 23.03 6.71
CA LEU A 242 6.74 23.10 5.47
C LEU A 242 7.34 22.25 4.37
N PHE A 243 6.46 21.64 3.57
CA PHE A 243 6.85 20.95 2.34
C PHE A 243 6.43 21.78 1.16
N GLY A 244 7.17 21.64 0.05
CA GLY A 244 6.79 22.27 -1.19
C GLY A 244 5.58 21.60 -1.81
N THR A 245 5.01 22.28 -2.79
CA THR A 245 3.78 21.85 -3.44
C THR A 245 4.05 20.63 -4.33
N GLY A 246 5.32 20.49 -4.72
CA GLY A 246 5.82 19.27 -5.35
C GLY A 246 5.86 19.37 -6.86
N THR A 247 6.83 18.67 -7.43
CA THR A 247 7.08 18.70 -8.86
C THR A 247 7.08 17.28 -9.41
N LYS A 248 6.27 17.04 -10.42
CA LYS A 248 6.28 15.75 -11.13
C LYS A 248 7.36 15.76 -12.21
N LEU A 249 8.33 14.87 -12.09
CA LEU A 249 9.40 14.74 -13.08
C LEU A 249 9.14 13.51 -13.95
N THR A 250 9.10 13.70 -15.26
CA THR A 250 8.98 12.58 -16.18
C THR A 250 10.21 12.55 -17.07
N VAL A 251 10.67 11.34 -17.40
CA VAL A 251 11.77 11.18 -18.35
C VAL A 251 11.15 10.85 -19.70
N GLN B 1 -24.98 -6.07 -15.22
CA GLN B 1 -24.45 -7.45 -15.16
C GLN B 1 -22.94 -7.47 -15.46
N VAL B 2 -22.14 -7.05 -14.46
CA VAL B 2 -20.69 -7.15 -14.57
C VAL B 2 -20.29 -8.60 -14.36
N GLN B 3 -19.53 -9.13 -15.31
CA GLN B 3 -19.03 -10.49 -15.15
C GLN B 3 -17.77 -10.72 -15.95
N LEU B 4 -17.07 -11.78 -15.59
CA LEU B 4 -15.93 -12.26 -16.35
C LEU B 4 -16.19 -13.72 -16.73
N VAL B 5 -15.97 -14.05 -17.99
CA VAL B 5 -16.16 -15.43 -18.43
C VAL B 5 -14.83 -15.92 -19.00
N GLU B 6 -14.44 -17.09 -18.51
CA GLU B 6 -13.20 -17.68 -18.92
C GLU B 6 -13.46 -18.77 -19.94
N SER B 7 -12.41 -19.14 -20.65
CA SER B 7 -12.37 -20.34 -21.47
C SER B 7 -10.92 -20.67 -21.76
N GLY B 8 -10.69 -21.90 -22.21
CA GLY B 8 -9.36 -22.29 -22.68
C GLY B 8 -8.81 -23.54 -22.05
N GLY B 9 -9.40 -23.97 -20.96
CA GLY B 9 -8.92 -25.10 -20.19
C GLY B 9 -9.05 -26.37 -21.02
N ASN B 10 -8.03 -27.23 -20.92
CA ASN B 10 -7.96 -28.46 -21.70
C ASN B 10 -6.86 -29.38 -21.12
N LEU B 11 -6.83 -30.63 -21.58
CA LEU B 11 -5.75 -31.57 -21.29
C LEU B 11 -4.59 -31.30 -22.24
N VAL B 12 -3.39 -31.12 -21.68
CA VAL B 12 -2.14 -30.97 -22.47
C VAL B 12 -1.05 -31.90 -21.95
N GLN B 13 -0.11 -32.23 -22.82
CA GLN B 13 1.04 -33.03 -22.39
C GLN B 13 2.08 -32.12 -21.72
N PRO B 14 2.87 -32.68 -20.80
CA PRO B 14 4.02 -31.94 -20.22
C PRO B 14 4.89 -31.30 -21.31
N GLY B 15 5.21 -30.02 -21.14
CA GLY B 15 6.00 -29.28 -22.13
C GLY B 15 5.20 -28.54 -23.18
N GLY B 16 3.92 -28.86 -23.31
CA GLY B 16 3.02 -28.18 -24.26
C GLY B 16 2.54 -26.82 -23.76
N SER B 17 1.58 -26.24 -24.48
CA SER B 17 1.14 -24.86 -24.21
C SER B 17 -0.37 -24.66 -24.35
N LEU B 18 -0.88 -23.61 -23.69
CA LEU B 18 -2.32 -23.30 -23.65
C LEU B 18 -2.51 -21.81 -23.46
N ARG B 19 -3.53 -21.27 -24.11
CA ARG B 19 -3.94 -19.89 -23.91
C ARG B 19 -5.29 -19.86 -23.26
N LEU B 20 -5.42 -19.11 -22.17
CA LEU B 20 -6.71 -18.91 -21.51
C LEU B 20 -7.19 -17.50 -21.78
N SER B 21 -8.51 -17.35 -21.95
CA SER B 21 -9.10 -16.03 -22.16
C SER B 21 -9.94 -15.65 -20.96
N CYS B 22 -10.12 -14.35 -20.74
CA CYS B 22 -10.91 -13.81 -19.63
C CYS B 22 -11.67 -12.61 -20.18
N ALA B 23 -12.93 -12.82 -20.56
CA ALA B 23 -13.71 -11.81 -21.28
C ALA B 23 -14.67 -11.08 -20.35
N ALA B 24 -14.57 -9.75 -20.31
CA ALA B 24 -15.44 -8.90 -19.51
C ALA B 24 -16.75 -8.61 -20.20
N SER B 25 -17.78 -8.36 -19.40
CA SER B 25 -19.01 -7.74 -19.87
C SER B 25 -19.58 -6.81 -18.79
N GLY B 26 -20.23 -5.74 -19.21
CA GLY B 26 -20.88 -4.83 -18.28
C GLY B 26 -19.94 -3.83 -17.64
N PHE B 27 -18.68 -3.80 -18.08
CA PHE B 27 -17.72 -2.79 -17.62
C PHE B 27 -16.60 -2.87 -18.62
N THR B 28 -15.69 -1.90 -18.58
CA THR B 28 -14.50 -1.95 -19.45
C THR B 28 -13.27 -2.41 -18.65
N PHE B 29 -12.73 -3.55 -19.08
CA PHE B 29 -11.70 -4.26 -18.35
C PHE B 29 -10.45 -3.41 -18.18
N GLY B 30 -10.11 -2.65 -19.22
CA GLY B 30 -8.89 -1.83 -19.28
C GLY B 30 -8.81 -0.72 -18.26
N SER B 31 -9.96 -0.39 -17.70
CA SER B 31 -10.03 0.56 -16.61
C SER B 31 -9.54 -0.05 -15.26
N PHE B 32 -9.32 -1.36 -15.21
CA PHE B 32 -8.93 -2.05 -13.97
C PHE B 32 -7.66 -2.85 -14.14
N SER B 33 -7.02 -3.11 -13.00
CA SER B 33 -6.00 -4.16 -12.90
C SER B 33 -6.69 -5.52 -12.72
N MET B 34 -5.94 -6.59 -12.93
CA MET B 34 -6.49 -7.94 -12.75
C MET B 34 -5.43 -8.93 -12.28
N SER B 35 -5.89 -10.08 -11.74
CA SER B 35 -5.02 -11.19 -11.38
C SER B 35 -5.50 -12.55 -11.90
N TRP B 36 -4.53 -13.44 -12.08
CA TRP B 36 -4.77 -14.85 -12.28
C TRP B 36 -4.46 -15.56 -10.97
N VAL B 37 -5.39 -16.42 -10.56
CA VAL B 37 -5.34 -17.16 -9.31
C VAL B 37 -5.57 -18.63 -9.63
N ARG B 38 -4.76 -19.52 -9.07
CA ARG B 38 -4.85 -20.97 -9.36
C ARG B 38 -5.19 -21.78 -8.09
N GLN B 39 -5.76 -22.96 -8.30
CA GLN B 39 -6.14 -23.85 -7.22
C GLN B 39 -6.01 -25.32 -7.59
N ALA B 40 -5.11 -26.03 -6.91
CA ALA B 40 -4.94 -27.48 -7.08
C ALA B 40 -6.11 -28.26 -6.44
N PRO B 41 -6.15 -29.61 -6.62
CA PRO B 41 -7.28 -30.42 -6.12
C PRO B 41 -7.28 -30.52 -4.59
N GLY B 42 -8.39 -30.11 -3.96
CA GLY B 42 -8.44 -29.91 -2.50
C GLY B 42 -7.44 -28.87 -1.98
N GLY B 43 -7.02 -27.96 -2.87
CA GLY B 43 -5.96 -27.01 -2.56
C GLY B 43 -6.51 -25.67 -2.15
N GLY B 44 -5.60 -24.77 -1.79
CA GLY B 44 -5.99 -23.40 -1.45
C GLY B 44 -5.84 -22.50 -2.66
N LEU B 45 -6.26 -21.25 -2.52
CA LEU B 45 -6.10 -20.22 -3.54
C LEU B 45 -4.64 -19.77 -3.58
N GLU B 46 -4.14 -19.54 -4.79
CA GLU B 46 -2.73 -19.18 -4.98
C GLU B 46 -2.60 -18.17 -6.11
N TRP B 47 -2.11 -16.97 -5.77
CA TRP B 47 -1.89 -15.92 -6.75
C TRP B 47 -0.76 -16.35 -7.69
N VAL B 48 -0.94 -16.09 -8.98
CA VAL B 48 -0.04 -16.59 -10.01
C VAL B 48 0.52 -15.48 -10.91
N ALA B 49 -0.32 -14.55 -11.32
CA ALA B 49 0.12 -13.48 -12.21
C ALA B 49 -0.83 -12.30 -12.17
N GLY B 50 -0.35 -11.15 -12.61
CA GLY B 50 -1.19 -9.96 -12.67
C GLY B 50 -0.79 -8.94 -13.71
N LEU B 51 -1.75 -8.08 -14.08
CA LEU B 51 -1.60 -7.01 -15.05
C LEU B 51 -2.17 -5.71 -14.45
N SER B 52 -1.42 -4.61 -14.57
CA SER B 52 -1.91 -3.32 -14.09
C SER B 52 -2.87 -2.67 -15.09
N ALA B 53 -3.57 -1.64 -14.62
CA ALA B 53 -4.52 -0.89 -15.45
C ALA B 53 -3.85 0.10 -16.42
N ARG B 54 -3.10 1.06 -15.90
CA ARG B 54 -2.65 2.22 -16.72
C ARG B 54 -1.65 1.90 -17.82
N SER B 55 -0.54 1.27 -17.44
CA SER B 55 0.40 0.73 -18.42
C SER B 55 0.22 -0.79 -18.45
N SER B 56 0.99 -1.50 -19.27
CA SER B 56 0.85 -2.96 -19.32
C SER B 56 1.92 -3.68 -18.50
N LEU B 57 2.06 -3.26 -17.25
CA LEU B 57 3.01 -3.85 -16.33
C LEU B 57 2.47 -5.17 -15.79
N THR B 58 3.27 -6.23 -15.90
CA THR B 58 2.89 -7.55 -15.45
C THR B 58 3.80 -7.99 -14.30
N HIS B 59 3.29 -8.89 -13.46
CA HIS B 59 4.09 -9.55 -12.43
C HIS B 59 3.67 -11.02 -12.37
N TYR B 60 4.61 -11.87 -11.97
CA TYR B 60 4.42 -13.31 -11.96
C TYR B 60 5.00 -13.92 -10.70
N ALA B 61 4.37 -14.98 -10.23
CA ALA B 61 4.89 -15.76 -9.11
C ALA B 61 6.08 -16.56 -9.60
N ASP B 62 7.01 -16.84 -8.67
CA ASP B 62 8.25 -17.56 -8.98
C ASP B 62 8.00 -18.86 -9.73
N SER B 63 6.98 -19.60 -9.28
CA SER B 63 6.62 -20.92 -9.86
C SER B 63 6.21 -20.88 -11.33
N VAL B 64 5.88 -19.69 -11.80
CA VAL B 64 5.29 -19.47 -13.10
C VAL B 64 6.09 -18.48 -13.98
N LYS B 65 6.97 -17.69 -13.36
CA LYS B 65 7.70 -16.62 -14.03
C LYS B 65 8.61 -17.15 -15.12
N GLY B 66 8.58 -16.50 -16.28
CA GLY B 66 9.38 -16.89 -17.42
C GLY B 66 8.69 -17.85 -18.37
N ARG B 67 7.52 -18.35 -17.97
CA ARG B 67 6.79 -19.33 -18.78
C ARG B 67 5.40 -18.86 -19.16
N PHE B 68 4.78 -18.08 -18.28
CA PHE B 68 3.45 -17.52 -18.52
C PHE B 68 3.57 -16.05 -18.93
N THR B 69 2.64 -15.59 -19.76
CA THR B 69 2.57 -14.19 -20.20
C THR B 69 1.10 -13.72 -20.30
N ILE B 70 0.82 -12.56 -19.69
CA ILE B 70 -0.51 -11.95 -19.76
C ILE B 70 -0.49 -10.91 -20.86
N SER B 71 -1.59 -10.79 -21.60
CA SER B 71 -1.77 -9.66 -22.53
C SER B 71 -3.21 -9.17 -22.47
N ARG B 72 -3.43 -7.89 -22.72
CA ARG B 72 -4.80 -7.39 -22.73
C ARG B 72 -5.17 -7.02 -24.14
N ASP B 73 -6.45 -7.20 -24.46
CA ASP B 73 -7.02 -6.83 -25.74
C ASP B 73 -8.21 -5.89 -25.51
N ASN B 74 -8.00 -4.60 -25.72
CA ASN B 74 -9.07 -3.59 -25.55
C ASN B 74 -10.22 -3.74 -26.55
N ALA B 75 -9.92 -4.08 -27.79
CA ALA B 75 -10.93 -4.28 -28.83
C ALA B 75 -11.92 -5.41 -28.49
N LYS B 76 -11.40 -6.48 -27.91
CA LYS B 76 -12.23 -7.60 -27.46
C LYS B 76 -12.65 -7.50 -25.98
N ASN B 77 -12.17 -6.47 -25.28
CA ASN B 77 -12.51 -6.22 -23.87
C ASN B 77 -12.19 -7.43 -22.98
N SER B 78 -10.96 -7.95 -23.15
CA SER B 78 -10.58 -9.20 -22.50
C SER B 78 -9.09 -9.24 -22.19
N VAL B 79 -8.69 -10.24 -21.42
CA VAL B 79 -7.28 -10.49 -21.08
C VAL B 79 -6.97 -11.97 -21.30
N TYR B 80 -5.76 -12.25 -21.81
CA TYR B 80 -5.33 -13.61 -22.10
C TYR B 80 -4.13 -14.00 -21.26
N LEU B 81 -4.05 -15.29 -20.96
CA LEU B 81 -2.89 -15.87 -20.31
C LEU B 81 -2.32 -16.96 -21.21
N GLN B 82 -1.18 -16.65 -21.83
CA GLN B 82 -0.43 -17.65 -22.60
C GLN B 82 0.47 -18.42 -21.63
N MET B 83 0.27 -19.73 -21.56
CA MET B 83 1.03 -20.60 -20.68
C MET B 83 1.89 -21.49 -21.56
N ASN B 84 3.21 -21.40 -21.42
CA ASN B 84 4.14 -22.19 -22.23
C ASN B 84 4.94 -23.16 -21.37
N SER B 85 5.49 -24.20 -22.01
CA SER B 85 6.33 -25.20 -21.33
C SER B 85 5.67 -25.70 -20.05
N LEU B 86 4.42 -26.14 -20.17
CA LEU B 86 3.61 -26.53 -19.01
C LEU B 86 4.11 -27.77 -18.27
N ARG B 87 4.05 -27.73 -16.94
CA ARG B 87 4.40 -28.85 -16.09
C ARG B 87 3.18 -29.52 -15.44
N VAL B 88 3.34 -30.78 -15.06
CA VAL B 88 2.33 -31.51 -14.28
C VAL B 88 1.85 -30.68 -13.07
N GLU B 89 2.78 -30.00 -12.41
CA GLU B 89 2.47 -29.20 -11.21
C GLU B 89 1.69 -27.89 -11.50
N ASP B 90 1.47 -27.57 -12.78
CA ASP B 90 0.61 -26.46 -13.16
C ASP B 90 -0.85 -26.90 -13.23
N THR B 91 -1.09 -28.20 -13.04
CA THR B 91 -2.43 -28.76 -13.12
C THR B 91 -3.29 -28.08 -12.05
N ALA B 92 -4.34 -27.37 -12.50
CA ALA B 92 -5.18 -26.58 -11.59
C ALA B 92 -6.40 -26.00 -12.29
N VAL B 93 -7.37 -25.58 -11.47
CA VAL B 93 -8.37 -24.62 -11.94
C VAL B 93 -7.78 -23.20 -11.86
N TYR B 94 -7.83 -22.50 -12.99
CA TYR B 94 -7.38 -21.12 -13.09
C TYR B 94 -8.56 -20.17 -13.11
N TYR B 95 -8.52 -19.21 -12.18
CA TYR B 95 -9.49 -18.14 -12.06
C TYR B 95 -8.81 -16.89 -12.53
N CYS B 96 -9.56 -16.03 -13.23
CA CYS B 96 -9.18 -14.64 -13.42
C CYS B 96 -10.09 -13.77 -12.55
N ALA B 97 -9.57 -12.63 -12.14
CA ALA B 97 -10.31 -11.75 -11.27
C ALA B 97 -9.92 -10.29 -11.48
N ARG B 98 -10.91 -9.43 -11.32
CA ARG B 98 -10.73 -8.00 -11.40
C ARG B 98 -10.29 -7.49 -10.03
N ARG B 99 -9.26 -6.67 -10.04
CA ARG B 99 -8.93 -5.89 -8.84
C ARG B 99 -9.76 -4.59 -8.81
N SER B 100 -10.26 -4.22 -7.63
CA SER B 100 -11.08 -3.03 -7.49
C SER B 100 -10.45 -1.76 -8.09
N TYR B 101 -11.28 -0.74 -8.30
CA TYR B 101 -10.78 0.56 -8.74
C TYR B 101 -9.65 1.08 -7.81
N ASP B 102 -9.93 1.18 -6.51
CA ASP B 102 -8.90 1.56 -5.53
C ASP B 102 -7.66 0.65 -5.57
N SER B 103 -7.86 -0.67 -5.69
CA SER B 103 -6.77 -1.62 -5.79
C SER B 103 -5.90 -1.47 -7.06
N SER B 104 -6.36 -0.68 -8.03
CA SER B 104 -5.65 -0.51 -9.30
C SER B 104 -4.86 0.80 -9.42
N GLY B 105 -4.98 1.69 -8.43
CA GLY B 105 -4.28 2.98 -8.41
C GLY B 105 -2.92 2.90 -7.73
N TYR B 106 -2.34 4.07 -7.45
CA TYR B 106 -0.99 4.14 -6.85
C TYR B 106 -0.93 3.63 -5.39
N TRP B 107 -2.06 3.63 -4.71
CA TRP B 107 -2.18 3.10 -3.35
C TRP B 107 -2.79 1.69 -3.36
N GLY B 108 -2.86 1.06 -4.54
CA GLY B 108 -3.51 -0.23 -4.72
C GLY B 108 -3.12 -1.31 -3.73
N HIS B 109 -1.82 -1.38 -3.43
CA HIS B 109 -1.30 -2.38 -2.50
C HIS B 109 -1.94 -2.31 -1.09
N PHE B 110 -2.31 -1.12 -0.65
CA PHE B 110 -3.00 -0.95 0.65
C PHE B 110 -4.35 -1.66 0.63
N TYR B 111 -5.15 -1.40 -0.41
CA TYR B 111 -6.50 -1.97 -0.51
C TYR B 111 -6.48 -3.43 -0.97
N SER B 112 -5.52 -3.77 -1.83
CA SER B 112 -5.61 -4.88 -2.81
C SER B 112 -6.70 -5.95 -2.54
N TYR B 113 -7.76 -5.92 -3.35
CA TYR B 113 -8.76 -6.98 -3.29
C TYR B 113 -9.39 -7.21 -4.66
N MET B 114 -10.09 -8.34 -4.78
CA MET B 114 -10.62 -8.81 -6.05
C MET B 114 -12.15 -8.90 -6.04
N ASP B 115 -12.72 -8.15 -6.98
CA ASP B 115 -14.12 -7.70 -7.03
C ASP B 115 -15.02 -8.66 -7.76
N VAL B 116 -14.57 -9.01 -8.95
CA VAL B 116 -15.30 -9.78 -9.91
C VAL B 116 -14.43 -10.97 -10.22
N TRP B 117 -15.01 -12.16 -10.16
CA TRP B 117 -14.30 -13.40 -10.31
C TRP B 117 -14.81 -14.16 -11.51
N GLY B 118 -13.91 -14.71 -12.31
CA GLY B 118 -14.27 -15.65 -13.36
C GLY B 118 -14.75 -16.95 -12.74
N GLN B 119 -15.41 -17.78 -13.54
CA GLN B 119 -15.92 -19.05 -13.00
C GLN B 119 -14.89 -20.20 -13.00
N GLY B 120 -13.71 -19.95 -13.56
CA GLY B 120 -12.66 -20.96 -13.61
C GLY B 120 -12.67 -21.78 -14.88
N THR B 121 -11.47 -22.19 -15.32
CA THR B 121 -11.19 -23.22 -16.33
C THR B 121 -10.13 -24.18 -15.79
N LEU B 122 -10.30 -25.47 -16.08
CA LEU B 122 -9.41 -26.51 -15.58
C LEU B 122 -8.29 -26.78 -16.57
N VAL B 123 -7.05 -26.64 -16.12
CA VAL B 123 -5.90 -27.02 -16.93
C VAL B 123 -5.33 -28.33 -16.41
N THR B 124 -5.34 -29.37 -17.25
CA THR B 124 -4.79 -30.68 -16.87
C THR B 124 -3.55 -30.94 -17.71
N VAL B 125 -2.41 -31.06 -17.04
CA VAL B 125 -1.16 -31.41 -17.71
C VAL B 125 -0.81 -32.81 -17.25
N SER B 126 -0.85 -33.77 -18.17
CA SER B 126 -0.47 -35.15 -17.86
C SER B 126 -0.16 -35.95 -19.11
N SER B 144 4.01 -18.91 0.23
CA SER B 144 3.83 -17.84 1.26
C SER B 144 2.33 -17.61 1.56
N VAL B 145 1.91 -17.88 2.80
CA VAL B 145 0.50 -17.82 3.18
C VAL B 145 0.25 -17.08 4.50
N LEU B 146 -1.01 -16.63 4.66
CA LEU B 146 -1.53 -16.16 5.95
C LEU B 146 -2.09 -17.36 6.70
N THR B 147 -2.14 -17.26 8.03
CA THR B 147 -2.43 -18.41 8.89
C THR B 147 -3.88 -18.40 9.35
N GLN B 148 -4.57 -19.50 9.07
CA GLN B 148 -5.96 -19.69 9.44
C GLN B 148 -6.17 -21.06 10.06
N PRO B 149 -7.13 -21.19 10.97
CA PRO B 149 -7.42 -22.54 11.46
C PRO B 149 -8.01 -23.41 10.35
N SER B 150 -7.75 -24.70 10.42
CA SER B 150 -8.06 -25.62 9.33
C SER B 150 -9.58 -25.81 9.16
N SER B 151 -10.29 -25.90 10.27
CA SER B 151 -11.72 -26.10 10.27
C SER B 151 -12.38 -25.37 11.45
N VAL B 152 -13.60 -24.88 11.25
CA VAL B 152 -14.44 -24.39 12.34
C VAL B 152 -15.83 -25.00 12.20
N SER B 153 -16.49 -25.22 13.34
CA SER B 153 -17.73 -25.99 13.37
C SER B 153 -18.73 -25.41 14.38
N ALA B 154 -19.99 -25.28 13.97
CA ALA B 154 -21.03 -24.76 14.85
C ALA B 154 -22.45 -25.14 14.39
N ALA B 155 -23.41 -25.05 15.31
CA ALA B 155 -24.82 -25.32 15.00
C ALA B 155 -25.47 -24.10 14.35
N PRO B 156 -26.50 -24.33 13.51
CA PRO B 156 -27.33 -23.25 12.98
C PRO B 156 -27.74 -22.22 14.03
N GLY B 157 -27.72 -20.94 13.66
CA GLY B 157 -28.10 -19.86 14.55
C GLY B 157 -26.96 -19.33 15.38
N GLN B 158 -25.84 -20.05 15.38
CA GLN B 158 -24.69 -19.71 16.20
C GLN B 158 -23.82 -18.63 15.58
N LYS B 159 -23.05 -17.99 16.46
CA LYS B 159 -22.07 -16.97 16.12
C LYS B 159 -20.73 -17.69 15.94
N VAL B 160 -20.03 -17.40 14.84
CA VAL B 160 -18.70 -18.01 14.60
C VAL B 160 -17.66 -16.96 14.22
N THR B 161 -16.40 -17.27 14.51
CA THR B 161 -15.28 -16.42 14.17
C THR B 161 -14.17 -17.23 13.51
N ILE B 162 -13.66 -16.69 12.40
CA ILE B 162 -12.58 -17.28 11.64
C ILE B 162 -11.41 -16.29 11.70
N SER B 163 -10.29 -16.74 12.27
CA SER B 163 -9.13 -15.92 12.46
C SER B 163 -8.18 -16.02 11.29
N CYS B 164 -7.34 -15.00 11.17
CA CYS B 164 -6.39 -14.84 10.10
C CYS B 164 -5.19 -14.14 10.70
N SER B 165 -4.05 -14.82 10.78
CA SER B 165 -2.87 -14.27 11.46
C SER B 165 -1.69 -14.05 10.51
N GLY B 166 -1.00 -12.94 10.70
CA GLY B 166 0.14 -12.56 9.89
C GLY B 166 1.16 -11.78 10.71
N SER B 167 1.72 -10.75 10.10
CA SER B 167 2.82 -9.99 10.66
C SER B 167 2.74 -8.57 10.09
N THR B 168 3.62 -7.70 10.57
CA THR B 168 3.59 -6.27 10.20
C THR B 168 3.64 -6.03 8.68
N SER B 169 4.32 -6.91 7.95
CA SER B 169 4.46 -6.78 6.51
C SER B 169 3.17 -7.06 5.70
N ASN B 170 2.23 -7.80 6.29
CA ASN B 170 0.93 -8.04 5.64
C ASN B 170 -0.29 -7.43 6.39
N ILE B 171 -1.00 -8.26 7.15
CA ILE B 171 -1.96 -7.81 8.16
C ILE B 171 -1.10 -6.97 9.10
N GLY B 172 -1.60 -5.88 9.61
CA GLY B 172 -0.72 -5.06 10.45
C GLY B 172 -0.58 -3.73 9.79
N ASN B 173 -0.19 -3.72 8.51
CA ASN B 173 -0.09 -2.48 7.76
C ASN B 173 -1.23 -2.29 6.73
N ASN B 174 -1.66 -3.38 6.09
CA ASN B 174 -2.56 -3.29 4.93
C ASN B 174 -3.94 -3.81 5.22
N TYR B 175 -4.83 -3.72 4.22
CA TYR B 175 -6.20 -4.15 4.38
C TYR B 175 -6.42 -5.61 4.00
N VAL B 176 -7.38 -6.22 4.72
CA VAL B 176 -7.70 -7.65 4.60
C VAL B 176 -9.04 -7.83 3.92
N SER B 177 -9.10 -8.76 2.96
CA SER B 177 -10.36 -9.14 2.34
C SER B 177 -10.65 -10.62 2.60
N TRP B 178 -11.91 -11.00 2.45
CA TRP B 178 -12.37 -12.35 2.73
C TRP B 178 -13.24 -12.88 1.59
N TYR B 179 -13.03 -14.15 1.27
CA TYR B 179 -13.66 -14.82 0.13
C TYR B 179 -14.28 -16.16 0.54
N GLN B 180 -15.49 -16.40 0.06
CA GLN B 180 -16.22 -17.64 0.26
C GLN B 180 -16.14 -18.48 -1.00
N GLN B 181 -15.92 -19.79 -0.81
CA GLN B 181 -15.96 -20.77 -1.89
C GLN B 181 -16.69 -22.05 -1.46
N HIS B 182 -17.87 -22.27 -2.01
CA HIS B 182 -18.57 -23.55 -1.95
C HIS B 182 -17.87 -24.56 -2.83
N PRO B 183 -17.90 -25.85 -2.45
CA PRO B 183 -17.30 -26.88 -3.30
C PRO B 183 -17.80 -26.80 -4.73
N GLY B 184 -16.88 -26.78 -5.67
CA GLY B 184 -17.21 -26.66 -7.08
C GLY B 184 -17.26 -25.25 -7.62
N LYS B 185 -17.61 -24.26 -6.78
CA LYS B 185 -17.85 -22.89 -7.24
C LYS B 185 -16.60 -22.00 -7.22
N ALA B 186 -16.66 -20.90 -7.96
CA ALA B 186 -15.65 -19.87 -7.92
C ALA B 186 -15.71 -19.10 -6.60
N PRO B 187 -14.55 -18.63 -6.08
CA PRO B 187 -14.61 -17.73 -4.93
C PRO B 187 -15.49 -16.49 -5.14
N LYS B 188 -15.97 -15.95 -4.02
CA LYS B 188 -16.84 -14.78 -4.00
C LYS B 188 -16.39 -13.85 -2.89
N LEU B 189 -16.17 -12.59 -3.25
CA LEU B 189 -15.78 -11.55 -2.31
C LEU B 189 -16.91 -11.30 -1.29
N MET B 190 -16.57 -11.42 0.00
CA MET B 190 -17.53 -11.24 1.11
C MET B 190 -17.28 -9.96 1.91
N ILE B 191 -16.00 -9.63 2.10
CA ILE B 191 -15.57 -8.46 2.84
C ILE B 191 -14.35 -7.88 2.17
N TYR B 192 -14.31 -6.55 2.01
CA TYR B 192 -13.12 -5.85 1.53
C TYR B 192 -12.76 -4.67 2.44
N ASP B 193 -11.54 -4.16 2.33
CA ASP B 193 -11.07 -3.03 3.15
C ASP B 193 -11.31 -3.29 4.66
N VAL B 194 -10.98 -4.53 5.05
CA VAL B 194 -11.16 -5.14 6.38
C VAL B 194 -12.61 -5.30 6.90
N SER B 195 -13.48 -4.30 6.73
CA SER B 195 -14.84 -4.34 7.31
C SER B 195 -16.01 -4.04 6.35
N LYS B 196 -15.76 -3.76 5.08
CA LYS B 196 -16.83 -3.41 4.13
C LYS B 196 -17.44 -4.63 3.45
N ARG B 197 -18.77 -4.60 3.28
CA ARG B 197 -19.47 -5.65 2.56
C ARG B 197 -19.90 -5.13 1.21
N PRO B 198 -19.61 -5.89 0.13
CA PRO B 198 -20.16 -5.60 -1.18
C PRO B 198 -21.67 -5.71 -1.18
N SER B 199 -22.32 -5.03 -2.14
CA SER B 199 -23.77 -5.10 -2.34
C SER B 199 -24.27 -6.52 -2.28
N GLY B 200 -25.37 -6.71 -1.56
CA GLY B 200 -26.03 -8.01 -1.49
C GLY B 200 -25.53 -9.01 -0.45
N VAL B 201 -24.30 -8.83 0.05
CA VAL B 201 -23.75 -9.70 1.11
C VAL B 201 -24.47 -9.36 2.42
N PRO B 202 -25.06 -10.37 3.08
CA PRO B 202 -25.85 -10.11 4.29
C PRO B 202 -25.03 -9.50 5.42
N ASP B 203 -25.68 -8.65 6.22
CA ASP B 203 -24.99 -7.94 7.31
C ASP B 203 -24.60 -8.86 8.48
N ARG B 204 -25.04 -10.10 8.43
CA ARG B 204 -24.61 -11.09 9.40
C ARG B 204 -23.09 -11.36 9.29
N PHE B 205 -22.52 -11.13 8.11
CA PHE B 205 -21.06 -11.17 7.89
C PHE B 205 -20.42 -9.83 8.28
N SER B 206 -19.31 -9.90 9.01
CA SER B 206 -18.56 -8.70 9.39
C SER B 206 -17.07 -8.98 9.47
N GLY B 207 -16.28 -7.92 9.35
CA GLY B 207 -14.84 -8.03 9.36
C GLY B 207 -14.20 -7.02 10.29
N SER B 208 -13.08 -7.41 10.86
CA SER B 208 -12.28 -6.51 11.66
C SER B 208 -10.84 -6.96 11.65
N LYS B 209 -10.00 -6.10 12.21
CA LYS B 209 -8.58 -6.35 12.27
C LYS B 209 -8.07 -5.67 13.52
N SER B 210 -7.05 -6.27 14.15
CA SER B 210 -6.37 -5.67 15.29
C SER B 210 -4.93 -6.13 15.28
N GLY B 211 -4.01 -5.18 15.09
CA GLY B 211 -2.59 -5.48 14.90
C GLY B 211 -2.37 -6.48 13.76
N ASN B 212 -1.69 -7.59 14.05
CA ASN B 212 -1.38 -8.61 13.04
C ASN B 212 -2.42 -9.74 12.89
N SER B 213 -3.60 -9.54 13.48
CA SER B 213 -4.69 -10.50 13.43
C SER B 213 -5.91 -9.88 12.77
N ALA B 214 -6.62 -10.67 11.97
CA ALA B 214 -7.93 -10.28 11.45
C ALA B 214 -8.95 -11.41 11.64
N SER B 215 -10.23 -11.04 11.66
CA SER B 215 -11.32 -11.96 11.95
C SER B 215 -12.51 -11.72 11.03
N LEU B 216 -13.06 -12.82 10.51
CA LEU B 216 -14.37 -12.81 9.90
C LEU B 216 -15.40 -13.33 10.91
N ASP B 217 -16.37 -12.51 11.26
CA ASP B 217 -17.46 -12.93 12.15
C ASP B 217 -18.73 -13.16 11.36
N ILE B 218 -19.41 -14.26 11.70
CA ILE B 218 -20.72 -14.59 11.14
C ILE B 218 -21.70 -14.87 12.29
N SER B 219 -22.78 -14.10 12.34
CA SER B 219 -23.89 -14.37 13.25
C SER B 219 -25.01 -15.13 12.53
N GLY B 220 -25.85 -15.82 13.29
CA GLY B 220 -27.03 -16.45 12.71
C GLY B 220 -26.66 -17.41 11.61
N LEU B 221 -25.67 -18.25 11.91
CA LEU B 221 -25.19 -19.26 10.98
C LEU B 221 -26.33 -19.99 10.23
N GLN B 222 -26.21 -20.03 8.91
CA GLN B 222 -27.12 -20.75 8.01
C GLN B 222 -26.42 -21.92 7.33
N SER B 223 -27.20 -22.91 6.90
CA SER B 223 -26.71 -24.04 6.09
C SER B 223 -25.94 -23.62 4.84
N GLU B 224 -26.44 -22.57 4.19
CA GLU B 224 -25.81 -22.03 2.99
C GLU B 224 -24.43 -21.44 3.25
N ASP B 225 -24.11 -21.13 4.50
CA ASP B 225 -22.80 -20.57 4.87
C ASP B 225 -21.69 -21.63 4.85
N GLU B 226 -22.07 -22.91 4.94
CA GLU B 226 -21.10 -23.98 4.89
C GLU B 226 -20.27 -23.82 3.61
N ALA B 227 -18.96 -23.64 3.81
CA ALA B 227 -18.05 -23.35 2.72
C ALA B 227 -16.63 -23.26 3.27
N ASP B 228 -15.69 -23.04 2.36
CA ASP B 228 -14.31 -22.67 2.71
C ASP B 228 -14.17 -21.15 2.71
N TYR B 229 -13.46 -20.61 3.70
CA TYR B 229 -13.25 -19.18 3.83
C TYR B 229 -11.78 -18.80 3.80
N TYR B 230 -11.40 -17.93 2.86
CA TYR B 230 -10.01 -17.44 2.76
C TYR B 230 -9.90 -15.96 3.13
N CYS B 231 -8.93 -15.63 3.97
CA CYS B 231 -8.51 -14.26 4.12
C CYS B 231 -7.43 -13.98 3.07
N ALA B 232 -7.11 -12.70 2.88
CA ALA B 232 -6.05 -12.32 1.96
C ALA B 232 -5.60 -10.90 2.23
N ALA B 233 -4.33 -10.62 1.91
CA ALA B 233 -3.75 -9.29 2.04
C ALA B 233 -2.42 -9.22 1.29
N TRP B 234 -2.08 -8.01 0.86
CA TRP B 234 -0.80 -7.70 0.25
C TRP B 234 0.33 -7.81 1.28
N ASP B 235 1.45 -8.41 0.89
CA ASP B 235 2.65 -8.47 1.71
C ASP B 235 3.74 -7.54 1.18
N ASP B 236 4.17 -6.60 2.02
CA ASP B 236 5.18 -5.59 1.64
C ASP B 236 6.56 -6.18 1.45
N SER B 237 6.93 -7.21 2.22
CA SER B 237 8.32 -7.71 2.16
C SER B 237 8.53 -8.52 0.86
N LEU B 238 7.51 -9.29 0.50
CA LEU B 238 7.49 -10.07 -0.73
C LEU B 238 7.02 -9.28 -1.95
N SER B 239 6.36 -8.13 -1.74
CA SER B 239 5.61 -7.42 -2.80
C SER B 239 4.72 -8.37 -3.60
N GLU B 240 3.83 -9.06 -2.88
CA GLU B 240 2.96 -10.07 -3.45
C GLU B 240 1.69 -10.25 -2.64
N PHE B 241 0.60 -10.58 -3.35
CA PHE B 241 -0.71 -10.79 -2.75
C PHE B 241 -0.79 -12.20 -2.18
N LEU B 242 -1.14 -12.28 -0.91
CA LEU B 242 -1.16 -13.54 -0.16
C LEU B 242 -2.59 -13.93 0.25
N PHE B 243 -2.90 -15.21 0.12
CA PHE B 243 -4.11 -15.77 0.67
C PHE B 243 -3.80 -16.54 1.96
N GLY B 244 -4.78 -16.59 2.85
CA GLY B 244 -4.76 -17.57 3.93
C GLY B 244 -4.83 -19.00 3.39
N THR B 245 -4.54 -19.94 4.28
CA THR B 245 -4.58 -21.37 3.99
C THR B 245 -6.01 -21.91 3.86
N GLY B 246 -6.99 -21.14 4.33
CA GLY B 246 -8.40 -21.49 4.20
C GLY B 246 -8.96 -22.23 5.41
N THR B 247 -10.20 -21.91 5.75
CA THR B 247 -10.90 -22.56 6.87
C THR B 247 -12.18 -23.19 6.34
N LYS B 248 -12.36 -24.48 6.59
CA LYS B 248 -13.61 -25.16 6.26
C LYS B 248 -14.59 -24.90 7.40
N LEU B 249 -15.70 -24.27 7.08
CA LEU B 249 -16.78 -24.07 8.03
C LEU B 249 -17.83 -25.17 7.81
N THR B 250 -18.15 -25.91 8.88
CA THR B 250 -19.20 -26.92 8.83
C THR B 250 -20.33 -26.53 9.77
N VAL B 251 -21.54 -26.49 9.22
CA VAL B 251 -22.74 -26.23 9.99
C VAL B 251 -23.27 -27.58 10.47
N LEU B 252 -23.17 -27.78 11.79
CA LEU B 252 -23.57 -29.02 12.46
C LEU B 252 -25.07 -29.28 12.36
#